data_6KDS
#
_entry.id   6KDS
#
_cell.length_a   62.603
_cell.length_b   108.191
_cell.length_c   38.799
_cell.angle_alpha   90.000
_cell.angle_beta   90.000
_cell.angle_gamma   90.000
#
_symmetry.space_group_name_H-M   'P 21 21 2'
#
loop_
_entity.id
_entity.type
_entity.pdbx_description
1 polymer 'Alpha N-terminal protein methyltransferase 1B'
2 polymer 'CENP-A peptide'
3 non-polymer S-ADENOSYL-L-HOMOCYSTEINE
4 water water
#
loop_
_entity_poly.entity_id
_entity_poly.type
_entity_poly.pdbx_seq_one_letter_code
_entity_poly.pdbx_strand_id
1 'polypeptide(L)'
;MGSSHHHHHHSSGLVPRGSHMVINGEMQFYARAKLFYQEVPATEEGMMGNFIELSSPDIQASQKFLRKFVGGPGRAGTDC
ALDCGSGIGRVSKHVLLPVFNSVELVDMMESFLLEAQNYLQVKGDKVESYHCYSLQEFTPPFRRYDVIWIQWVSGHLTDK
DLLAFLSRCRDGLKENGIIILKDNVAREGCILDLSDSSVTRDMDILRSLIRKSGLVVLGQEKQDGFPEQCIPVWMFALHS
DRHS
;
A
2 'polypeptide(L)' (SAR)PRRRS E
#
loop_
_chem_comp.id
_chem_comp.type
_chem_comp.name
_chem_comp.formula
SAH non-polymer S-ADENOSYL-L-HOMOCYSTEINE 'C14 H20 N6 O5 S'
#
# COMPACT_ATOMS: atom_id res chain seq x y z
N SER A 19 4.51 4.63 19.42
CA SER A 19 5.31 3.74 18.60
C SER A 19 5.95 2.59 19.41
N HIS A 20 5.85 1.37 18.87
CA HIS A 20 6.54 0.23 19.49
C HIS A 20 8.05 0.34 19.33
N MET A 21 8.54 0.68 18.14
CA MET A 21 9.96 0.94 17.94
C MET A 21 10.17 2.39 17.50
N VAL A 22 10.88 3.15 18.29
CA VAL A 22 11.34 4.47 17.89
C VAL A 22 12.60 4.32 17.05
N ILE A 23 12.72 5.11 15.99
CA ILE A 23 13.95 5.13 15.20
C ILE A 23 14.58 6.50 15.35
N ASN A 24 15.73 6.57 16.01
CA ASN A 24 16.51 7.80 16.09
C ASN A 24 17.41 7.85 14.86
N GLY A 25 17.14 8.80 13.97
CA GLY A 25 17.82 8.83 12.68
C GLY A 25 16.85 8.59 11.55
N GLU A 26 15.62 9.10 11.71
CA GLU A 26 14.62 8.90 10.67
C GLU A 26 15.07 9.50 9.34
N MET A 27 15.83 10.59 9.36
CA MET A 27 16.32 11.16 8.11
C MET A 27 17.20 10.17 7.35
N GLN A 28 18.18 9.57 8.02
CA GLN A 28 19.04 8.58 7.35
C GLN A 28 18.25 7.34 6.93
N PHE A 29 17.29 6.92 7.74
CA PHE A 29 16.44 5.77 7.41
C PHE A 29 15.73 6.00 6.08
N TYR A 30 15.02 7.12 5.96
CA TYR A 30 14.26 7.39 4.75
C TYR A 30 15.18 7.74 3.58
N ALA A 31 16.35 8.34 3.83
CA ALA A 31 17.25 8.62 2.70
C ALA A 31 17.71 7.32 2.04
N ARG A 32 17.95 6.27 2.84
CA ARG A 32 18.42 5.01 2.28
C ARG A 32 17.35 4.33 1.42
N ALA A 33 16.08 4.42 1.83
CA ALA A 33 15.02 3.87 0.99
C ALA A 33 15.01 4.54 -0.39
N LYS A 34 15.21 5.85 -0.42
CA LYS A 34 15.27 6.57 -1.70
C LYS A 34 16.41 6.06 -2.57
N LEU A 35 17.60 5.90 -2.00
CA LEU A 35 18.71 5.38 -2.79
CA LEU A 35 18.70 5.39 -2.79
C LEU A 35 18.42 3.97 -3.29
N PHE A 36 17.72 3.16 -2.50
CA PHE A 36 17.33 1.83 -2.94
C PHE A 36 16.40 1.89 -4.15
N TYR A 37 15.32 2.66 -4.06
CA TYR A 37 14.37 2.65 -5.15
C TYR A 37 14.89 3.35 -6.40
N GLN A 38 15.97 4.13 -6.29
CA GLN A 38 16.57 4.69 -7.51
C GLN A 38 17.07 3.60 -8.45
N GLU A 39 17.43 2.44 -7.93
CA GLU A 39 17.94 1.34 -8.74
C GLU A 39 16.87 0.30 -9.06
N VAL A 40 15.63 0.51 -8.64
CA VAL A 40 14.57 -0.46 -8.94
C VAL A 40 14.02 -0.18 -10.32
N PRO A 41 13.95 -1.17 -11.22
CA PRO A 41 13.43 -0.94 -12.56
C PRO A 41 11.97 -0.50 -12.50
N ALA A 42 11.61 0.40 -13.43
CA ALA A 42 10.24 0.93 -13.47
C ALA A 42 9.36 0.03 -14.34
N THR A 43 9.18 -1.21 -13.85
CA THR A 43 8.48 -2.29 -14.55
C THR A 43 7.68 -3.09 -13.53
N GLU A 44 6.74 -3.89 -14.04
CA GLU A 44 5.95 -4.76 -13.17
C GLU A 44 6.85 -5.73 -12.40
N GLU A 45 7.87 -6.28 -13.07
CA GLU A 45 8.82 -7.12 -12.36
C GLU A 45 9.59 -6.32 -11.31
N GLY A 46 10.01 -5.10 -11.66
CA GLY A 46 10.72 -4.28 -10.69
C GLY A 46 9.88 -3.99 -9.45
N MET A 47 8.60 -3.69 -9.65
CA MET A 47 7.71 -3.48 -8.51
C MET A 47 7.57 -4.73 -7.66
N MET A 48 7.64 -5.91 -8.29
CA MET A 48 7.48 -7.18 -7.60
C MET A 48 8.79 -7.70 -6.99
N GLY A 49 9.90 -7.00 -7.18
CA GLY A 49 11.18 -7.44 -6.62
C GLY A 49 11.62 -8.80 -7.10
N ASN A 50 11.41 -9.10 -8.38
CA ASN A 50 11.79 -10.39 -8.97
C ASN A 50 11.01 -11.55 -8.32
N PHE A 51 9.79 -11.28 -7.87
CA PHE A 51 8.77 -12.31 -7.69
C PHE A 51 7.63 -12.02 -8.67
N ILE A 52 7.97 -11.81 -9.94
CA ILE A 52 6.96 -11.46 -10.94
C ILE A 52 5.92 -12.57 -11.05
N GLU A 53 6.29 -13.81 -10.77
CA GLU A 53 5.34 -14.92 -10.85
C GLU A 53 4.25 -14.81 -9.79
N LEU A 54 4.41 -13.95 -8.79
CA LEU A 54 3.40 -13.76 -7.77
C LEU A 54 2.48 -12.59 -8.05
N SER A 55 2.75 -11.83 -9.10
CA SER A 55 1.90 -10.68 -9.43
C SER A 55 0.47 -11.12 -9.72
N SER A 56 0.30 -12.16 -10.56
CA SER A 56 -1.05 -12.62 -10.89
C SER A 56 -1.83 -13.13 -9.68
N PRO A 57 -1.33 -14.07 -8.87
CA PRO A 57 -2.09 -14.45 -7.67
C PRO A 57 -2.32 -13.30 -6.71
N ASP A 58 -1.37 -12.36 -6.61
CA ASP A 58 -1.57 -11.15 -5.82
C ASP A 58 -2.77 -10.35 -6.32
N ILE A 59 -2.79 -10.08 -7.64
CA ILE A 59 -3.87 -9.30 -8.23
C ILE A 59 -5.20 -10.03 -8.12
N GLN A 60 -5.20 -11.34 -8.37
CA GLN A 60 -6.46 -12.08 -8.30
C GLN A 60 -7.04 -12.04 -6.89
N ALA A 61 -6.20 -12.16 -5.86
CA ALA A 61 -6.72 -12.11 -4.49
C ALA A 61 -7.19 -10.70 -4.15
N SER A 62 -6.43 -9.69 -4.58
CA SER A 62 -6.81 -8.31 -4.30
C SER A 62 -8.17 -7.97 -4.92
N GLN A 63 -8.41 -8.39 -6.16
CA GLN A 63 -9.71 -8.13 -6.80
C GLN A 63 -10.86 -8.69 -5.97
N LYS A 64 -10.72 -9.92 -5.50
CA LYS A 64 -11.83 -10.58 -4.79
C LYS A 64 -12.06 -9.91 -3.44
N PHE A 65 -10.97 -9.57 -2.75
CA PHE A 65 -11.08 -8.92 -1.46
C PHE A 65 -11.74 -7.55 -1.60
N LEU A 66 -11.30 -6.78 -2.60
CA LEU A 66 -11.92 -5.49 -2.90
C LEU A 66 -13.42 -5.65 -3.11
N ARG A 67 -13.79 -6.59 -3.98
CA ARG A 67 -15.19 -6.87 -4.28
C ARG A 67 -16.04 -7.10 -3.03
N LYS A 68 -15.46 -7.72 -2.00
CA LYS A 68 -16.20 -7.96 -0.75
C LYS A 68 -16.62 -6.68 -0.06
N PHE A 69 -15.86 -5.60 -0.22
CA PHE A 69 -16.07 -4.41 0.58
C PHE A 69 -16.51 -3.21 -0.23
N VAL A 70 -16.73 -3.39 -1.54
CA VAL A 70 -17.09 -2.29 -2.44
C VAL A 70 -18.34 -2.67 -3.18
N GLY A 71 -19.28 -1.73 -3.30
CA GLY A 71 -20.43 -1.91 -4.15
C GLY A 71 -21.62 -2.51 -3.41
N GLY A 72 -22.56 -1.67 -3.04
CA GLY A 72 -23.72 -2.11 -2.30
C GLY A 72 -24.06 -1.14 -1.18
N PRO A 73 -25.24 -1.32 -0.57
CA PRO A 73 -25.65 -0.42 0.51
C PRO A 73 -24.73 -0.59 1.73
N GLY A 74 -24.26 0.55 2.25
CA GLY A 74 -23.32 0.54 3.34
C GLY A 74 -21.87 0.27 2.97
N ARG A 75 -21.62 -0.42 1.85
CA ARG A 75 -20.25 -0.69 1.43
CA ARG A 75 -20.26 -0.69 1.40
C ARG A 75 -19.66 0.54 0.75
N ALA A 76 -18.35 0.48 0.49
CA ALA A 76 -17.66 1.60 -0.12
C ALA A 76 -18.19 1.85 -1.54
N GLY A 77 -18.20 3.11 -1.94
CA GLY A 77 -18.56 3.47 -3.30
C GLY A 77 -17.43 3.19 -4.30
N THR A 78 -17.69 3.58 -5.56
CA THR A 78 -16.81 3.25 -6.67
C THR A 78 -16.37 4.48 -7.47
N ASP A 79 -16.36 5.67 -6.88
CA ASP A 79 -16.01 6.83 -7.69
C ASP A 79 -14.52 7.18 -7.64
N CYS A 80 -13.88 7.08 -6.48
CA CYS A 80 -12.53 7.59 -6.40
C CYS A 80 -11.66 6.75 -5.46
N ALA A 81 -10.47 6.33 -5.94
CA ALA A 81 -9.53 5.59 -5.11
C ALA A 81 -8.16 6.27 -5.11
N LEU A 82 -7.39 6.02 -4.05
CA LEU A 82 -6.02 6.49 -3.91
C LEU A 82 -5.10 5.28 -3.77
N ASP A 83 -4.03 5.26 -4.57
CA ASP A 83 -3.06 4.17 -4.61
C ASP A 83 -1.77 4.66 -3.93
N CYS A 84 -1.52 4.24 -2.67
CA CYS A 84 -0.41 4.77 -1.88
C CYS A 84 0.83 3.90 -2.02
N GLY A 85 1.98 4.55 -2.17
CA GLY A 85 3.16 3.81 -2.56
C GLY A 85 2.92 3.12 -3.90
N SER A 86 2.32 3.85 -4.84
CA SER A 86 1.82 3.26 -6.09
C SER A 86 2.93 2.64 -6.93
N GLY A 87 4.16 3.13 -6.80
CA GLY A 87 5.13 2.81 -7.82
C GLY A 87 4.62 3.26 -9.18
N ILE A 88 4.88 2.44 -10.20
CA ILE A 88 4.38 2.75 -11.54
C ILE A 88 2.88 2.50 -11.72
N GLY A 89 2.21 2.00 -10.68
CA GLY A 89 0.77 1.82 -10.72
C GLY A 89 0.27 0.42 -11.04
N ARG A 90 1.02 -0.61 -10.68
CA ARG A 90 0.57 -1.98 -10.91
C ARG A 90 -0.81 -2.23 -10.29
N VAL A 91 -1.00 -1.82 -9.03
CA VAL A 91 -2.30 -2.06 -8.38
C VAL A 91 -3.38 -1.22 -9.04
N SER A 92 -3.06 0.05 -9.35
CA SER A 92 -4.04 0.88 -10.06
C SER A 92 -4.44 0.24 -11.37
N LYS A 93 -3.46 -0.26 -12.12
CA LYS A 93 -3.74 -0.76 -13.45
C LYS A 93 -4.70 -1.95 -13.42
N HIS A 94 -4.43 -2.91 -12.53
CA HIS A 94 -5.13 -4.19 -12.58
C HIS A 94 -6.17 -4.40 -11.49
N VAL A 95 -6.20 -3.59 -10.45
CA VAL A 95 -7.17 -3.74 -9.36
C VAL A 95 -8.11 -2.55 -9.26
N LEU A 96 -7.56 -1.33 -9.20
CA LEU A 96 -8.37 -0.15 -8.89
C LEU A 96 -9.04 0.45 -10.12
N LEU A 97 -8.28 0.73 -11.18
CA LEU A 97 -8.87 1.38 -12.35
C LEU A 97 -9.99 0.59 -12.98
N PRO A 98 -10.04 -0.75 -12.93
CA PRO A 98 -11.21 -1.46 -13.47
C PRO A 98 -12.49 -1.26 -12.66
N VAL A 99 -12.39 -0.72 -11.44
CA VAL A 99 -13.51 -0.60 -10.54
C VAL A 99 -13.93 0.86 -10.32
N PHE A 100 -12.98 1.79 -10.20
CA PHE A 100 -13.27 3.16 -9.82
C PHE A 100 -13.31 4.08 -11.03
N ASN A 101 -14.16 5.11 -10.95
CA ASN A 101 -14.24 6.10 -12.02
C ASN A 101 -12.96 6.93 -12.12
N SER A 102 -12.27 7.13 -11.02
CA SER A 102 -11.00 7.84 -11.09
C SER A 102 -10.10 7.33 -9.98
N VAL A 103 -8.80 7.35 -10.27
CA VAL A 103 -7.78 6.86 -9.35
C VAL A 103 -6.70 7.93 -9.25
N GLU A 104 -6.13 8.08 -8.07
CA GLU A 104 -4.99 8.96 -7.88
C GLU A 104 -3.84 8.12 -7.32
N LEU A 105 -2.62 8.47 -7.71
CA LEU A 105 -1.42 7.77 -7.29
C LEU A 105 -0.60 8.68 -6.38
N VAL A 106 -0.01 8.12 -5.35
CA VAL A 106 0.95 8.86 -4.55
C VAL A 106 2.17 7.96 -4.36
N ASP A 107 3.36 8.51 -4.65
CA ASP A 107 4.63 7.81 -4.50
C ASP A 107 5.73 8.85 -4.35
N MET A 108 6.81 8.48 -3.66
CA MET A 108 7.90 9.43 -3.48
C MET A 108 8.80 9.52 -4.69
N MET A 109 8.76 8.55 -5.61
CA MET A 109 9.69 8.49 -6.74
C MET A 109 9.04 9.12 -7.97
N GLU A 110 9.51 10.31 -8.34
CA GLU A 110 8.94 10.97 -9.51
C GLU A 110 9.11 10.13 -10.76
N SER A 111 10.21 9.36 -10.84
CA SER A 111 10.47 8.55 -12.03
C SER A 111 9.40 7.46 -12.19
N PHE A 112 8.95 6.87 -11.08
CA PHE A 112 7.87 5.87 -11.16
C PHE A 112 6.57 6.53 -11.58
N LEU A 113 6.28 7.71 -11.02
CA LEU A 113 5.03 8.39 -11.35
C LEU A 113 4.99 8.77 -12.82
N LEU A 114 6.12 9.23 -13.37
CA LEU A 114 6.13 9.59 -14.79
C LEU A 114 5.97 8.36 -15.67
N GLU A 115 6.69 7.28 -15.35
CA GLU A 115 6.52 6.04 -16.11
C GLU A 115 5.10 5.48 -16.00
N ALA A 116 4.40 5.78 -14.90
CA ALA A 116 3.02 5.29 -14.77
C ALA A 116 2.17 5.73 -15.96
N GLN A 117 2.42 6.93 -16.48
CA GLN A 117 1.64 7.43 -17.62
C GLN A 117 1.78 6.53 -18.83
N ASN A 118 2.98 6.02 -19.08
CA ASN A 118 3.16 5.07 -20.17
C ASN A 118 2.64 3.68 -19.80
N TYR A 119 2.95 3.23 -18.59
CA TYR A 119 2.61 1.87 -18.18
C TYR A 119 1.10 1.65 -18.16
N LEU A 120 0.34 2.67 -17.78
CA LEU A 120 -1.10 2.49 -17.57
C LEU A 120 -1.86 2.45 -18.89
N GLN A 121 -1.24 2.89 -19.98
CA GLN A 121 -1.87 2.87 -21.31
CA GLN A 121 -1.85 2.94 -21.31
C GLN A 121 -3.20 3.61 -21.22
N VAL A 122 -4.24 3.08 -21.87
CA VAL A 122 -5.53 3.75 -21.92
C VAL A 122 -6.13 3.94 -20.52
N LYS A 123 -5.84 3.02 -19.60
CA LYS A 123 -6.38 3.13 -18.24
C LYS A 123 -5.94 4.43 -17.56
N GLY A 124 -4.79 4.97 -17.95
CA GLY A 124 -4.29 6.20 -17.36
C GLY A 124 -5.14 7.42 -17.63
N ASP A 125 -6.08 7.33 -18.57
CA ASP A 125 -6.99 8.45 -18.81
C ASP A 125 -7.91 8.70 -17.63
N LYS A 126 -8.07 7.73 -16.73
CA LYS A 126 -8.88 7.91 -15.53
C LYS A 126 -8.04 8.28 -14.30
N VAL A 127 -6.76 8.56 -14.47
CA VAL A 127 -5.92 8.97 -13.36
C VAL A 127 -5.97 10.49 -13.26
N GLU A 128 -6.49 10.98 -12.13
CA GLU A 128 -6.74 12.40 -11.99
C GLU A 128 -5.48 13.16 -11.55
N SER A 129 -4.63 12.53 -10.75
CA SER A 129 -3.49 13.20 -10.17
C SER A 129 -2.41 12.18 -9.89
N TYR A 130 -1.17 12.61 -10.05
CA TYR A 130 0.02 11.86 -9.63
C TYR A 130 0.67 12.69 -8.52
N HIS A 131 0.52 12.27 -7.27
CA HIS A 131 1.08 13.03 -6.16
C HIS A 131 2.48 12.53 -5.86
N CYS A 132 3.49 13.40 -5.98
CA CYS A 132 4.86 13.01 -5.65
C CYS A 132 5.16 13.47 -4.23
N TYR A 133 4.93 12.58 -3.27
CA TYR A 133 5.18 12.84 -1.87
C TYR A 133 5.67 11.57 -1.21
N SER A 134 6.50 11.71 -0.18
CA SER A 134 6.65 10.61 0.77
C SER A 134 5.40 10.57 1.64
N LEU A 135 4.97 9.35 2.00
CA LEU A 135 3.68 9.20 2.67
C LEU A 135 3.71 9.86 4.04
N GLN A 136 4.84 9.79 4.74
CA GLN A 136 4.91 10.43 6.05
C GLN A 136 4.89 11.94 5.94
N GLU A 137 4.98 12.48 4.73
CA GLU A 137 4.81 13.91 4.48
C GLU A 137 3.58 14.21 3.63
N PHE A 138 2.64 13.27 3.55
CA PHE A 138 1.48 13.41 2.68
C PHE A 138 0.19 13.43 3.50
N THR A 139 -0.72 14.34 3.15
CA THR A 139 -2.06 14.40 3.71
C THR A 139 -3.05 13.99 2.62
N PRO A 140 -3.63 12.80 2.68
CA PRO A 140 -4.64 12.41 1.70
C PRO A 140 -5.79 13.41 1.70
N PRO A 141 -6.19 13.90 0.52
CA PRO A 141 -7.23 14.95 0.46
C PRO A 141 -8.48 14.57 1.25
N PHE A 142 -8.98 15.56 2.00
CA PHE A 142 -10.04 15.35 2.98
C PHE A 142 -11.31 14.78 2.35
N ARG A 143 -11.76 13.64 2.88
CA ARG A 143 -13.07 13.04 2.53
C ARG A 143 -13.24 12.89 1.02
N ARG A 144 -12.15 12.62 0.32
CA ARG A 144 -12.17 12.50 -1.13
C ARG A 144 -12.31 11.07 -1.65
N TYR A 145 -11.91 10.06 -0.88
CA TYR A 145 -11.77 8.71 -1.45
C TYR A 145 -12.80 7.72 -0.92
N ASP A 146 -13.31 6.90 -1.85
CA ASP A 146 -14.06 5.70 -1.49
C ASP A 146 -13.14 4.60 -0.98
N VAL A 147 -11.97 4.43 -1.59
CA VAL A 147 -10.99 3.42 -1.17
C VAL A 147 -9.60 4.02 -1.20
N ILE A 148 -8.83 3.79 -0.13
CA ILE A 148 -7.41 4.11 -0.08
C ILE A 148 -6.64 2.79 0.03
N TRP A 149 -5.84 2.49 -0.97
CA TRP A 149 -5.09 1.24 -1.06
C TRP A 149 -3.64 1.48 -0.66
N ILE A 150 -3.13 0.66 0.26
CA ILE A 150 -1.77 0.85 0.80
C ILE A 150 -1.08 -0.50 0.70
N GLN A 151 -0.30 -0.73 -0.35
CA GLN A 151 0.28 -2.05 -0.58
C GLN A 151 1.79 -2.02 -0.66
N TRP A 152 2.43 -2.87 0.18
CA TRP A 152 3.88 -3.08 0.18
C TRP A 152 4.65 -1.77 0.31
N VAL A 153 4.09 -0.86 1.11
CA VAL A 153 4.83 0.36 1.46
C VAL A 153 4.79 0.66 2.94
N SER A 154 3.85 0.10 3.70
CA SER A 154 3.73 0.44 5.12
C SER A 154 4.99 0.05 5.89
N GLY A 155 5.69 -0.97 5.42
CA GLY A 155 6.91 -1.38 6.09
C GLY A 155 8.03 -0.36 6.00
N HIS A 156 7.93 0.61 5.09
CA HIS A 156 8.93 1.65 4.96
C HIS A 156 8.69 2.83 5.89
N LEU A 157 7.51 2.93 6.49
CA LEU A 157 7.22 3.99 7.45
C LEU A 157 7.58 3.52 8.84
N THR A 158 8.17 4.42 9.63
CA THR A 158 8.39 4.06 11.02
C THR A 158 7.03 3.88 11.70
N ASP A 159 7.03 3.23 12.87
CA ASP A 159 5.80 3.08 13.63
C ASP A 159 5.11 4.43 13.85
N LYS A 160 5.87 5.43 14.31
CA LYS A 160 5.28 6.75 14.54
C LYS A 160 4.63 7.27 13.26
N ASP A 161 5.34 7.17 12.14
CA ASP A 161 4.83 7.73 10.89
C ASP A 161 3.68 6.92 10.30
N LEU A 162 3.70 5.61 10.45
CA LEU A 162 2.59 4.81 9.95
C LEU A 162 1.32 5.07 10.75
N LEU A 163 1.46 5.13 12.08
CA LEU A 163 0.34 5.50 12.94
C LEU A 163 -0.28 6.80 12.46
N ALA A 164 0.56 7.81 12.22
CA ALA A 164 0.04 9.11 11.83
C ALA A 164 -0.57 9.04 10.43
N PHE A 165 0.09 8.33 9.52
CA PHE A 165 -0.42 8.25 8.16
C PHE A 165 -1.76 7.52 8.11
N LEU A 166 -1.93 6.46 8.92
CA LEU A 166 -3.22 5.76 8.91
C LEU A 166 -4.34 6.67 9.42
N SER A 167 -4.06 7.45 10.46
CA SER A 167 -5.05 8.42 10.95
CA SER A 167 -5.05 8.41 10.95
C SER A 167 -5.43 9.42 9.85
N ARG A 168 -4.45 9.90 9.10
CA ARG A 168 -4.76 10.84 8.02
C ARG A 168 -5.51 10.16 6.87
N CYS A 169 -5.18 8.91 6.56
CA CYS A 169 -5.99 8.17 5.59
C CYS A 169 -7.44 8.12 6.02
N ARG A 170 -7.71 7.90 7.32
CA ARG A 170 -9.10 7.83 7.76
C ARG A 170 -9.83 9.14 7.45
N ASP A 171 -9.15 10.28 7.60
CA ASP A 171 -9.77 11.55 7.27
C ASP A 171 -9.90 11.76 5.77
N GLY A 172 -9.22 10.98 4.97
CA GLY A 172 -9.38 11.08 3.54
C GLY A 172 -10.55 10.31 2.97
N LEU A 173 -11.33 9.65 3.82
CA LEU A 173 -12.40 8.76 3.36
C LEU A 173 -13.72 9.50 3.25
N LYS A 174 -14.41 9.30 2.13
CA LYS A 174 -15.81 9.65 2.01
C LYS A 174 -16.63 8.79 2.97
N GLU A 175 -17.90 9.19 3.14
CA GLU A 175 -18.83 8.35 3.90
C GLU A 175 -18.82 6.93 3.34
N ASN A 176 -18.75 5.95 4.24
CA ASN A 176 -18.67 4.52 3.95
C ASN A 176 -17.38 4.10 3.28
N GLY A 177 -16.40 5.00 3.12
CA GLY A 177 -15.15 4.62 2.52
C GLY A 177 -14.35 3.68 3.40
N ILE A 178 -13.37 3.01 2.79
CA ILE A 178 -12.51 2.08 3.51
C ILE A 178 -11.07 2.23 3.07
N ILE A 179 -10.15 1.84 3.95
CA ILE A 179 -8.73 1.68 3.67
C ILE A 179 -8.45 0.19 3.46
N ILE A 180 -7.73 -0.16 2.42
CA ILE A 180 -7.26 -1.54 2.25
C ILE A 180 -5.75 -1.54 2.37
N LEU A 181 -5.24 -2.26 3.37
CA LEU A 181 -3.81 -2.39 3.65
C LEU A 181 -3.41 -3.82 3.29
N LYS A 182 -2.40 -3.95 2.42
CA LYS A 182 -1.93 -5.27 2.00
C LYS A 182 -0.42 -5.28 2.14
N ASP A 183 0.11 -6.19 2.95
CA ASP A 183 1.54 -6.15 3.20
C ASP A 183 2.00 -7.48 3.76
N ASN A 184 3.31 -7.63 3.80
CA ASN A 184 3.95 -8.74 4.48
C ASN A 184 3.76 -8.64 5.98
N VAL A 185 3.43 -9.77 6.61
CA VAL A 185 3.27 -9.81 8.06
C VAL A 185 4.13 -10.95 8.58
N ALA A 186 5.19 -10.62 9.30
CA ALA A 186 6.11 -11.64 9.79
C ALA A 186 5.40 -12.57 10.75
N ARG A 187 5.84 -13.82 10.77
CA ARG A 187 5.18 -14.80 11.61
C ARG A 187 5.42 -14.50 13.09
N GLU A 188 6.63 -14.06 13.43
CA GLU A 188 7.02 -13.86 14.82
C GLU A 188 7.97 -12.68 14.90
N GLY A 189 7.61 -11.66 15.65
CA GLY A 189 8.54 -10.56 15.81
C GLY A 189 8.61 -9.72 14.54
N CYS A 190 9.68 -8.96 14.41
CA CYS A 190 9.83 -8.11 13.24
CA CYS A 190 9.86 -8.06 13.28
C CYS A 190 11.17 -8.32 12.58
N ILE A 191 11.29 -7.80 11.37
CA ILE A 191 12.50 -7.92 10.56
C ILE A 191 12.87 -6.52 10.07
N LEU A 192 14.02 -6.04 10.52
CA LEU A 192 14.55 -4.75 10.06
C LEU A 192 15.50 -5.01 8.91
N ASP A 193 15.19 -4.44 7.74
CA ASP A 193 16.04 -4.58 6.55
C ASP A 193 16.72 -3.24 6.30
N LEU A 194 18.03 -3.18 6.59
CA LEU A 194 18.77 -1.93 6.46
C LEU A 194 19.04 -1.56 5.01
N SER A 195 18.93 -2.51 4.09
CA SER A 195 19.31 -2.22 2.70
C SER A 195 18.21 -1.47 1.96
N ASP A 196 16.95 -1.63 2.35
CA ASP A 196 15.87 -0.83 1.77
C ASP A 196 15.09 -0.05 2.81
N SER A 197 15.58 0.02 4.05
CA SER A 197 14.90 0.72 5.14
C SER A 197 13.44 0.27 5.26
N SER A 198 13.25 -0.99 5.63
CA SER A 198 11.91 -1.51 5.85
C SER A 198 11.90 -2.32 7.13
N VAL A 199 10.73 -2.34 7.77
CA VAL A 199 10.48 -3.17 8.93
C VAL A 199 9.27 -4.02 8.58
N THR A 200 9.45 -5.34 8.57
CA THR A 200 8.33 -6.26 8.44
C THR A 200 7.79 -6.50 9.83
N ARG A 201 6.56 -6.06 10.08
CA ARG A 201 5.95 -6.20 11.41
C ARG A 201 5.25 -7.54 11.55
N ASP A 202 5.08 -7.98 12.80
CA ASP A 202 4.22 -9.13 13.03
C ASP A 202 2.78 -8.67 13.24
N MET A 203 1.87 -9.64 13.34
CA MET A 203 0.45 -9.33 13.44
C MET A 203 0.17 -8.45 14.65
N ASP A 204 0.76 -8.78 15.79
CA ASP A 204 0.43 -8.06 17.01
C ASP A 204 0.84 -6.60 16.92
N ILE A 205 2.03 -6.34 16.36
CA ILE A 205 2.48 -4.97 16.22
C ILE A 205 1.57 -4.21 15.25
N LEU A 206 1.31 -4.80 14.09
CA LEU A 206 0.49 -4.12 13.09
C LEU A 206 -0.91 -3.82 13.63
N ARG A 207 -1.55 -4.80 14.26
CA ARG A 207 -2.91 -4.58 14.78
C ARG A 207 -2.93 -3.53 15.86
N SER A 208 -1.89 -3.51 16.70
CA SER A 208 -1.76 -2.46 17.71
C SER A 208 -1.71 -1.08 17.05
N LEU A 209 -0.87 -0.92 16.02
CA LEU A 209 -0.79 0.35 15.31
C LEU A 209 -2.12 0.69 14.64
N ILE A 210 -2.76 -0.29 14.00
CA ILE A 210 -4.08 -0.05 13.41
C ILE A 210 -5.05 0.43 14.48
N ARG A 211 -5.11 -0.28 15.61
CA ARG A 211 -5.97 0.13 16.71
C ARG A 211 -5.66 1.56 17.16
N LYS A 212 -4.38 1.87 17.37
CA LYS A 212 -4.04 3.18 17.93
C LYS A 212 -4.29 4.32 16.95
N SER A 213 -4.35 4.03 15.65
CA SER A 213 -4.67 5.08 14.68
C SER A 213 -6.15 5.45 14.68
N GLY A 214 -6.98 4.71 15.40
CA GLY A 214 -8.42 4.92 15.36
C GLY A 214 -9.17 4.07 14.36
N LEU A 215 -8.50 3.14 13.70
CA LEU A 215 -9.17 2.29 12.71
C LEU A 215 -9.63 0.99 13.35
N VAL A 216 -10.66 0.40 12.75
CA VAL A 216 -11.23 -0.88 13.14
C VAL A 216 -11.10 -1.82 11.94
N VAL A 217 -10.83 -3.10 12.21
CA VAL A 217 -10.69 -4.06 11.11
C VAL A 217 -12.09 -4.50 10.70
N LEU A 218 -12.45 -4.19 9.46
CA LEU A 218 -13.72 -4.68 8.91
C LEU A 218 -13.61 -6.08 8.35
N GLY A 219 -12.38 -6.54 8.09
CA GLY A 219 -12.18 -7.84 7.48
C GLY A 219 -10.71 -8.07 7.20
N GLN A 220 -10.29 -9.33 7.19
CA GLN A 220 -8.89 -9.64 6.95
C GLN A 220 -8.80 -10.95 6.19
N GLU A 221 -7.75 -11.10 5.40
CA GLU A 221 -7.61 -12.30 4.59
C GLU A 221 -6.15 -12.57 4.29
N LYS A 222 -5.74 -13.81 4.51
CA LYS A 222 -4.39 -14.22 4.13
C LYS A 222 -4.32 -14.44 2.63
N GLN A 223 -3.23 -13.97 2.03
CA GLN A 223 -2.93 -14.20 0.63
C GLN A 223 -2.62 -15.68 0.38
N ASP A 224 -3.28 -16.26 -0.62
CA ASP A 224 -3.06 -17.64 -1.04
C ASP A 224 -2.17 -17.70 -2.29
N GLY A 225 -1.71 -18.91 -2.60
CA GLY A 225 -0.93 -19.08 -3.79
C GLY A 225 0.49 -18.55 -3.74
N PHE A 226 0.96 -18.13 -2.57
CA PHE A 226 2.36 -17.75 -2.48
C PHE A 226 3.18 -18.94 -2.01
N PRO A 227 4.48 -18.99 -2.35
CA PRO A 227 5.31 -20.10 -1.89
C PRO A 227 5.55 -20.04 -0.39
N GLU A 228 5.83 -21.22 0.17
CA GLU A 228 6.00 -21.32 1.62
C GLU A 228 7.23 -20.56 2.12
N GLN A 229 8.26 -20.40 1.28
CA GLN A 229 9.46 -19.68 1.69
C GLN A 229 9.28 -18.17 1.73
N CYS A 230 8.07 -17.67 1.50
CA CYS A 230 7.78 -16.24 1.57
C CYS A 230 7.17 -15.88 2.92
N ILE A 231 7.43 -14.66 3.35
CA ILE A 231 6.70 -14.11 4.49
C ILE A 231 5.21 -14.06 4.14
N PRO A 232 4.31 -14.41 5.05
CA PRO A 232 2.87 -14.29 4.75
C PRO A 232 2.50 -12.88 4.35
N VAL A 233 1.48 -12.77 3.51
CA VAL A 233 0.92 -11.49 3.10
C VAL A 233 -0.54 -11.48 3.52
N TRP A 234 -0.98 -10.38 4.10
CA TRP A 234 -2.34 -10.24 4.55
C TRP A 234 -2.98 -9.00 3.95
N MET A 235 -4.27 -9.08 3.74
CA MET A 235 -5.09 -7.95 3.34
C MET A 235 -6.01 -7.61 4.49
N PHE A 236 -6.15 -6.32 4.77
CA PHE A 236 -7.04 -5.84 5.81
C PHE A 236 -7.91 -4.73 5.22
N ALA A 237 -9.20 -4.80 5.52
CA ALA A 237 -10.13 -3.72 5.24
C ALA A 237 -10.40 -2.97 6.54
N LEU A 238 -10.19 -1.65 6.51
CA LEU A 238 -10.21 -0.84 7.72
C LEU A 238 -11.09 0.38 7.53
N HIS A 239 -11.68 0.87 8.61
CA HIS A 239 -12.23 2.22 8.59
C HIS A 239 -12.26 2.86 9.97
N SAR B 1 7.88 -5.48 -2.25
CA SAR B 1 7.05 -6.57 -2.77
C SAR B 1 7.13 -7.77 -1.80
O SAR B 1 7.39 -7.60 -0.61
CN SAR B 1 8.36 -4.66 -3.34
N PRO B 2 6.92 -8.98 -2.33
CA PRO B 2 7.11 -10.23 -1.58
C PRO B 2 8.56 -10.34 -1.08
N ARG B 3 8.77 -11.10 0.00
CA ARG B 3 10.10 -11.23 0.59
C ARG B 3 10.29 -12.63 1.15
N ARG B 4 11.51 -13.16 1.00
CA ARG B 4 11.86 -14.47 1.51
C ARG B 4 11.89 -14.51 3.04
N ARG B 5 11.55 -15.68 3.59
CA ARG B 5 11.80 -16.03 4.98
C ARG B 5 13.21 -15.65 5.42
N SER B 6 13.38 -15.36 6.70
CA SER B 6 14.72 -15.14 7.24
C SER B 6 15.22 -16.39 7.99
N SAH C . 2.40 -0.79 -4.19
CA SAH C . 3.09 -0.99 -5.47
CB SAH C . 4.59 -0.68 -5.40
CG SAH C . 5.40 -1.56 -4.44
SD SAH C . 7.17 -1.17 -4.39
C SAH C . 2.86 -2.42 -5.93
O SAH C . 3.16 -2.77 -7.09
OXT SAH C . 2.37 -3.23 -5.14
C5' SAH C . 7.03 0.09 -3.08
C4' SAH C . 6.82 1.55 -3.52
O4' SAH C . 6.82 2.36 -2.35
C3' SAH C . 7.88 2.16 -4.45
O3' SAH C . 7.22 2.78 -5.53
C2' SAH C . 8.59 3.20 -3.59
O2' SAH C . 9.02 4.35 -4.28
C1' SAH C . 7.50 3.58 -2.60
N9 SAH C . 7.93 4.14 -1.31
C8 SAH C . 8.85 3.63 -0.42
N7 SAH C . 8.87 4.43 0.67
C5 SAH C . 8.00 5.44 0.49
C6 SAH C . 7.62 6.54 1.26
N6 SAH C . 8.15 6.77 2.46
N1 SAH C . 6.67 7.40 0.77
C2 SAH C . 6.09 7.21 -0.46
N3 SAH C . 6.46 6.13 -1.21
C4 SAH C . 7.39 5.26 -0.75
#